data_7CPA
#
_entry.id   7CPA
#
_cell.length_a   65.300
_cell.length_b   63.400
_cell.length_c   76.000
_cell.angle_alpha   90.00
_cell.angle_beta   90.00
_cell.angle_gamma   90.00
#
_symmetry.space_group_name_H-M   'P 21 21 21'
#
loop_
_entity.id
_entity.type
_entity.pdbx_description
1 polymer 'CARBOXYPEPTIDASE A'
2 non-polymer 'ZINC ION'
3 non-polymer 'O-((((N-PHENYL-METHOXY-CARBONYL)-PHENYL ALANYL-CARBONYL)AMINO)-ISOBUTYL)HYDROXY PHOSPHINYL)-3-PHENYLACETIC ACID'
4 water water
#
_entity_poly.entity_id   1
_entity_poly.type   'polypeptide(L)'
_entity_poly.pdbx_seq_one_letter_code
;ARSTNTFNYATYHTLDEIYDFMDLLVAQHPELVSKLQIGRSYEGRPIYVLKFSTGGSNRPAIWIDLGIHSREWITQATGV
WFAKKFTENYGQNPSFTAILDSMDIFLEIVTNPNGFAFTHSENRLWRKTRSVTSSSLCVGVDANRNWDAGFGKAGASSSP
CSETYHGKYANSEVEVKSIVDFVKNHGNFKAFLSIHSYSQLLLYPYGYTTQSIPDKTELNQVAKSAVAALKSLYGTSYKY
GSIITTIYQASGGSIDWSYNQGIKYSFTFELRDTGRYGFLLPASQIIPTAQETWLGVLTIMEHTVNN
;
_entity_poly.pdbx_strand_id   A
#
# COMPACT_ATOMS: atom_id res chain seq x y z
N ALA A 1 14.03 -17.81 9.88
CA ALA A 1 14.87 -17.12 8.91
C ALA A 1 15.83 -18.06 8.14
N ARG A 2 15.43 -19.33 8.09
CA ARG A 2 16.18 -20.31 7.35
C ARG A 2 15.13 -20.87 6.39
N SER A 3 13.96 -20.23 6.59
CA SER A 3 12.76 -20.49 5.83
C SER A 3 11.72 -19.45 6.24
N THR A 4 10.76 -19.16 5.38
CA THR A 4 9.76 -18.17 5.74
C THR A 4 8.85 -18.68 6.82
N ASN A 5 9.04 -19.98 7.07
CA ASN A 5 8.29 -20.68 8.11
C ASN A 5 8.90 -20.42 9.47
N THR A 6 10.18 -20.13 9.52
CA THR A 6 10.75 -19.80 10.79
C THR A 6 10.98 -18.29 10.90
N PHE A 7 10.61 -17.48 9.90
CA PHE A 7 10.78 -16.04 10.02
C PHE A 7 9.90 -15.54 11.17
N ASN A 8 10.23 -14.48 11.90
CA ASN A 8 9.37 -14.03 13.00
C ASN A 8 8.49 -12.87 12.56
N TYR A 9 7.24 -13.20 12.29
CA TYR A 9 6.26 -12.28 11.80
C TYR A 9 5.73 -11.31 12.82
N ALA A 10 6.01 -11.63 14.09
CA ALA A 10 5.54 -10.83 15.20
C ALA A 10 6.48 -9.76 15.69
N THR A 11 7.41 -9.30 14.84
CA THR A 11 8.33 -8.26 15.22
C THR A 11 8.62 -7.36 14.00
N TYR A 12 9.15 -6.17 14.21
CA TYR A 12 9.47 -5.29 13.10
C TYR A 12 10.85 -5.60 12.58
N HIS A 13 10.99 -5.53 11.25
CA HIS A 13 12.24 -5.87 10.58
C HIS A 13 12.96 -4.71 9.88
N THR A 14 14.22 -4.97 9.51
CA THR A 14 14.99 -4.01 8.76
C THR A 14 14.85 -4.23 7.24
N LEU A 15 15.36 -3.27 6.44
CA LEU A 15 15.33 -3.41 5.00
C LEU A 15 16.08 -4.67 4.54
N ASP A 16 17.27 -5.00 5.07
CA ASP A 16 18.01 -6.16 4.61
C ASP A 16 17.21 -7.42 4.89
N GLU A 17 16.52 -7.36 6.02
CA GLU A 17 15.73 -8.50 6.43
C GLU A 17 14.52 -8.69 5.56
N ILE A 18 13.84 -7.61 5.18
CA ILE A 18 12.70 -7.79 4.33
C ILE A 18 13.13 -8.11 2.91
N TYR A 19 14.23 -7.59 2.40
CA TYR A 19 14.65 -7.99 1.07
C TYR A 19 15.11 -9.45 1.00
N ASP A 20 15.77 -9.93 2.06
CA ASP A 20 16.19 -11.30 2.06
C ASP A 20 14.95 -12.19 2.11
N PHE A 21 13.97 -11.87 2.95
CA PHE A 21 12.71 -12.62 2.99
C PHE A 21 12.04 -12.76 1.63
N MET A 22 12.10 -11.75 0.77
CA MET A 22 11.46 -11.86 -0.53
C MET A 22 12.22 -12.88 -1.35
N ASP A 23 13.53 -12.80 -1.34
CA ASP A 23 14.30 -13.86 -1.98
C ASP A 23 13.93 -15.23 -1.45
N LEU A 24 13.77 -15.45 -0.15
CA LEU A 24 13.47 -16.77 0.34
C LEU A 24 12.06 -17.19 -0.06
N LEU A 25 11.05 -16.33 -0.07
CA LEU A 25 9.73 -16.77 -0.44
C LEU A 25 9.74 -17.20 -1.90
N VAL A 26 10.51 -16.53 -2.75
CA VAL A 26 10.51 -16.91 -4.14
C VAL A 26 11.20 -18.26 -4.30
N ALA A 27 12.28 -18.51 -3.56
CA ALA A 27 12.94 -19.81 -3.64
C ALA A 27 12.06 -20.97 -3.19
N GLN A 28 11.20 -20.77 -2.18
CA GLN A 28 10.31 -21.79 -1.66
C GLN A 28 9.02 -22.00 -2.46
N HIS A 29 8.61 -20.97 -3.18
CA HIS A 29 7.38 -21.07 -3.95
C HIS A 29 7.57 -20.55 -5.36
N PRO A 30 8.48 -21.20 -6.11
CA PRO A 30 8.90 -20.85 -7.44
C PRO A 30 7.78 -20.90 -8.46
N GLU A 31 6.74 -21.67 -8.24
CA GLU A 31 5.67 -21.66 -9.22
C GLU A 31 4.59 -20.60 -8.97
N LEU A 32 4.71 -19.86 -7.87
CA LEU A 32 3.64 -18.99 -7.51
C LEU A 32 4.11 -17.56 -7.41
N VAL A 33 5.33 -17.34 -6.93
CA VAL A 33 5.77 -15.99 -6.70
C VAL A 33 7.05 -15.67 -7.40
N SER A 34 7.22 -14.44 -7.88
CA SER A 34 8.49 -14.03 -8.44
C SER A 34 8.75 -12.61 -7.96
N LYS A 35 9.99 -12.17 -7.99
CA LYS A 35 10.38 -10.85 -7.51
C LYS A 35 10.71 -9.96 -8.69
N LEU A 36 10.03 -8.81 -8.87
CA LEU A 36 10.33 -7.91 -9.98
C LEU A 36 10.98 -6.63 -9.48
N GLN A 37 11.96 -6.13 -10.20
CA GLN A 37 12.55 -4.88 -9.80
C GLN A 37 11.84 -3.86 -10.70
N ILE A 38 11.04 -2.93 -10.17
CA ILE A 38 10.39 -1.99 -11.06
C ILE A 38 11.09 -0.63 -11.09
N GLY A 39 12.20 -0.42 -10.36
CA GLY A 39 12.86 0.86 -10.39
C GLY A 39 13.97 0.96 -9.36
N ARG A 40 14.53 2.16 -9.18
CA ARG A 40 15.60 2.36 -8.23
C ARG A 40 15.14 3.54 -7.37
N SER A 41 15.44 3.66 -6.07
CA SER A 41 15.01 4.82 -5.31
C SER A 41 15.95 5.99 -5.55
N TYR A 42 15.59 7.13 -4.99
CA TYR A 42 16.46 8.29 -5.11
C TYR A 42 17.87 7.96 -4.67
N GLU A 43 18.16 7.26 -3.56
CA GLU A 43 19.56 7.06 -3.30
C GLU A 43 20.08 5.72 -3.79
N GLY A 44 19.39 5.13 -4.75
CA GLY A 44 19.97 3.96 -5.36
C GLY A 44 19.58 2.59 -4.84
N ARG A 45 18.53 2.47 -4.01
CA ARG A 45 18.07 1.16 -3.56
C ARG A 45 17.12 0.56 -4.59
N PRO A 46 17.08 -0.74 -4.91
CA PRO A 46 16.07 -1.34 -5.75
C PRO A 46 14.69 -1.22 -5.17
N ILE A 47 13.72 -1.01 -6.02
CA ILE A 47 12.34 -1.03 -5.61
C ILE A 47 11.83 -2.32 -6.17
N TYR A 48 11.34 -3.22 -5.28
CA TYR A 48 10.89 -4.54 -5.70
C TYR A 48 9.40 -4.72 -5.55
N VAL A 49 8.78 -5.48 -6.45
CA VAL A 49 7.37 -5.83 -6.33
C VAL A 49 7.30 -7.36 -6.37
N LEU A 50 6.53 -8.00 -5.49
CA LEU A 50 6.36 -9.44 -5.56
C LEU A 50 5.16 -9.75 -6.44
N LYS A 51 5.28 -10.67 -7.42
CA LYS A 51 4.14 -11.01 -8.26
C LYS A 51 3.67 -12.39 -7.90
N PHE A 52 2.39 -12.53 -7.55
CA PHE A 52 1.76 -13.83 -7.21
C PHE A 52 0.85 -14.16 -8.37
N SER A 53 1.11 -15.32 -8.96
CA SER A 53 0.40 -15.68 -10.16
C SER A 53 0.31 -17.19 -10.34
N THR A 54 -0.84 -17.60 -10.86
CA THR A 54 -1.11 -19.01 -11.11
C THR A 54 -0.76 -19.36 -12.56
N GLY A 55 -0.40 -18.34 -13.34
CA GLY A 55 -0.09 -18.53 -14.74
C GLY A 55 -0.79 -17.49 -15.63
N GLY A 56 -0.98 -17.84 -16.91
CA GLY A 56 -1.64 -16.97 -17.85
C GLY A 56 -0.69 -15.94 -18.46
N SER A 57 -1.27 -14.99 -19.17
CA SER A 57 -0.49 -13.95 -19.75
C SER A 57 -1.26 -12.66 -19.50
N ASN A 58 -0.61 -11.68 -18.86
CA ASN A 58 -1.26 -10.43 -18.49
C ASN A 58 -2.69 -10.58 -17.99
N ARG A 59 -2.91 -11.37 -16.93
CA ARG A 59 -4.22 -11.51 -16.35
C ARG A 59 -4.69 -10.25 -15.66
N PRO A 60 -5.98 -10.02 -15.51
CA PRO A 60 -6.51 -8.94 -14.67
C PRO A 60 -5.66 -8.94 -13.40
N ALA A 61 -5.34 -7.76 -12.85
CA ALA A 61 -4.51 -7.78 -11.67
C ALA A 61 -4.88 -6.83 -10.54
N ILE A 62 -4.37 -7.18 -9.36
CA ILE A 62 -4.59 -6.40 -8.16
C ILE A 62 -3.25 -5.91 -7.65
N TRP A 63 -3.19 -4.59 -7.44
CA TRP A 63 -2.05 -3.88 -6.89
C TRP A 63 -2.25 -3.58 -5.42
N ILE A 64 -1.19 -3.80 -4.62
CA ILE A 64 -1.25 -3.44 -3.20
C ILE A 64 0.09 -2.84 -2.88
N ASP A 65 0.20 -1.64 -2.32
CA ASP A 65 1.53 -1.21 -1.93
C ASP A 65 1.43 -0.84 -0.46
N LEU A 66 2.56 -0.88 0.23
CA LEU A 66 2.56 -0.58 1.65
C LEU A 66 3.77 0.26 1.90
N GLY A 67 3.85 1.06 2.96
CA GLY A 67 5.09 1.78 3.23
C GLY A 67 5.41 2.97 2.34
N ILE A 68 4.45 3.57 1.64
CA ILE A 68 4.82 4.72 0.84
C ILE A 68 5.27 5.83 1.82
N HIS A 69 4.76 5.82 3.06
CA HIS A 69 5.11 6.79 4.12
C HIS A 69 5.92 5.92 5.06
N SER A 70 7.21 6.21 5.24
CA SER A 70 8.10 5.29 5.91
C SER A 70 7.91 5.03 7.41
N ARG A 71 7.41 5.98 8.21
CA ARG A 71 7.23 5.78 9.63
C ARG A 71 6.04 4.91 9.99
N GLU A 72 5.20 4.57 9.00
CA GLU A 72 4.03 3.75 9.26
C GLU A 72 4.44 2.28 9.24
N TRP A 73 5.29 1.86 10.20
CA TRP A 73 5.87 0.51 10.23
C TRP A 73 4.93 -0.65 10.24
N ILE A 74 3.72 -0.50 10.79
CA ILE A 74 2.78 -1.61 10.77
C ILE A 74 2.43 -1.93 9.31
N THR A 75 2.54 -0.97 8.37
CA THR A 75 2.17 -1.32 7.01
C THR A 75 3.23 -2.21 6.42
N GLN A 76 4.54 -1.97 6.50
CA GLN A 76 5.47 -2.94 5.94
C GLN A 76 5.38 -4.27 6.70
N ALA A 77 5.18 -4.28 8.03
CA ALA A 77 5.06 -5.53 8.77
C ALA A 77 3.83 -6.30 8.32
N THR A 78 2.71 -5.63 7.99
CA THR A 78 1.52 -6.31 7.50
C THR A 78 1.79 -6.90 6.13
N GLY A 79 2.56 -6.20 5.29
CA GLY A 79 2.85 -6.68 3.96
C GLY A 79 3.68 -7.96 3.94
N VAL A 80 4.66 -8.10 4.84
CA VAL A 80 5.44 -9.33 4.97
C VAL A 80 4.46 -10.44 5.35
N TRP A 81 3.49 -10.23 6.24
CA TRP A 81 2.59 -11.31 6.65
C TRP A 81 1.65 -11.67 5.49
N PHE A 82 1.22 -10.66 4.71
CA PHE A 82 0.37 -10.90 3.55
C PHE A 82 1.06 -11.82 2.58
N ALA A 83 2.32 -11.52 2.28
CA ALA A 83 3.10 -12.31 1.34
C ALA A 83 3.17 -13.78 1.75
N LYS A 84 3.45 -14.11 3.01
CA LYS A 84 3.43 -15.50 3.46
C LYS A 84 2.03 -16.05 3.39
N LYS A 85 1.04 -15.27 3.86
CA LYS A 85 -0.36 -15.67 3.84
C LYS A 85 -0.78 -16.12 2.46
N PHE A 86 -0.42 -15.37 1.44
CA PHE A 86 -0.79 -15.74 0.10
C PHE A 86 -0.31 -17.14 -0.32
N THR A 87 0.90 -17.51 0.08
CA THR A 87 1.45 -18.80 -0.28
C THR A 87 0.89 -19.86 0.67
N GLU A 88 0.36 -19.50 1.86
CA GLU A 88 -0.25 -20.51 2.72
C GLU A 88 -1.70 -20.82 2.32
N ASN A 89 -2.44 -19.81 1.87
CA ASN A 89 -3.84 -20.02 1.55
C ASN A 89 -4.12 -20.45 0.14
N TYR A 90 -3.25 -20.23 -0.84
CA TYR A 90 -3.65 -20.69 -2.16
C TYR A 90 -3.80 -22.21 -2.11
N GLY A 91 -4.95 -22.74 -2.53
CA GLY A 91 -5.23 -24.17 -2.36
C GLY A 91 -6.11 -24.42 -1.13
N GLN A 92 -5.69 -23.95 0.04
CA GLN A 92 -6.46 -24.07 1.26
C GLN A 92 -7.71 -23.22 1.34
N ASN A 93 -7.62 -21.93 1.03
CA ASN A 93 -8.80 -21.09 1.08
C ASN A 93 -9.48 -21.13 -0.30
N PRO A 94 -10.68 -21.68 -0.37
CA PRO A 94 -11.52 -21.65 -1.55
C PRO A 94 -11.78 -20.32 -2.24
N SER A 95 -12.09 -19.20 -1.59
CA SER A 95 -12.23 -18.00 -2.40
C SER A 95 -10.87 -17.44 -2.77
N PHE A 96 -9.89 -17.42 -1.86
CA PHE A 96 -8.57 -16.94 -2.25
C PHE A 96 -8.07 -17.83 -3.39
N THR A 97 -8.30 -19.14 -3.40
CA THR A 97 -7.78 -19.92 -4.51
C THR A 97 -8.37 -19.47 -5.83
N ALA A 98 -9.68 -19.20 -5.78
CA ALA A 98 -10.44 -18.76 -6.92
C ALA A 98 -10.04 -17.39 -7.45
N ILE A 99 -9.60 -16.49 -6.58
CA ILE A 99 -9.08 -15.22 -7.05
C ILE A 99 -7.77 -15.44 -7.81
N LEU A 100 -6.83 -16.19 -7.23
CA LEU A 100 -5.52 -16.37 -7.84
C LEU A 100 -5.53 -17.31 -9.04
N ASP A 101 -6.65 -18.02 -9.21
CA ASP A 101 -6.81 -18.87 -10.38
C ASP A 101 -7.29 -18.04 -11.57
N SER A 102 -7.72 -16.79 -11.34
CA SER A 102 -8.16 -15.89 -12.40
C SER A 102 -7.33 -14.61 -12.49
N MET A 103 -6.64 -14.22 -11.42
CA MET A 103 -5.97 -12.93 -11.42
C MET A 103 -4.63 -13.06 -10.74
N ASP A 104 -3.85 -12.03 -11.04
CA ASP A 104 -2.55 -11.88 -10.43
C ASP A 104 -2.58 -10.84 -9.34
N ILE A 105 -1.62 -10.93 -8.44
CA ILE A 105 -1.53 -9.95 -7.37
C ILE A 105 -0.12 -9.43 -7.35
N PHE A 106 -0.01 -8.11 -7.37
CA PHE A 106 1.28 -7.46 -7.22
C PHE A 106 1.33 -6.77 -5.85
N LEU A 107 2.38 -7.12 -5.11
CA LEU A 107 2.57 -6.66 -3.74
C LEU A 107 3.88 -5.92 -3.56
N GLU A 108 3.85 -4.63 -3.28
CA GLU A 108 5.07 -3.85 -3.05
C GLU A 108 5.15 -3.52 -1.57
N ILE A 109 6.01 -4.27 -0.85
CA ILE A 109 6.09 -4.16 0.58
C ILE A 109 6.80 -2.90 1.06
N VAL A 110 7.87 -2.45 0.40
CA VAL A 110 8.59 -1.23 0.79
C VAL A 110 8.54 -0.21 -0.36
N THR A 111 7.50 0.62 -0.41
CA THR A 111 7.33 1.55 -1.51
C THR A 111 8.29 2.71 -1.36
N ASN A 112 8.76 3.00 -0.16
CA ASN A 112 9.76 4.05 0.04
C ASN A 112 10.97 3.52 0.85
N PRO A 113 11.94 2.87 0.22
CA PRO A 113 13.05 2.25 0.94
C PRO A 113 14.06 3.24 1.57
N ASN A 114 14.30 4.41 0.94
CA ASN A 114 15.23 5.37 1.51
C ASN A 114 14.64 5.90 2.79
N GLY A 115 13.36 6.29 2.76
CA GLY A 115 12.72 6.76 3.99
C GLY A 115 12.74 5.64 5.01
N PHE A 116 12.51 4.40 4.58
CA PHE A 116 12.47 3.31 5.52
C PHE A 116 13.80 3.12 6.21
N ALA A 117 14.85 3.16 5.41
CA ALA A 117 16.12 2.95 6.02
C ALA A 117 16.41 4.10 6.93
N PHE A 118 15.96 5.31 6.56
CA PHE A 118 16.22 6.46 7.39
C PHE A 118 15.45 6.27 8.68
N THR A 119 14.30 5.59 8.72
CA THR A 119 13.59 5.56 10.00
C THR A 119 14.31 4.64 10.94
N HIS A 120 15.17 3.76 10.41
CA HIS A 120 15.84 2.84 11.31
C HIS A 120 17.13 3.47 11.79
N SER A 121 17.71 4.35 11.00
CA SER A 121 19.00 4.91 11.34
C SER A 121 19.03 6.26 12.01
N GLU A 122 18.17 7.18 11.60
CA GLU A 122 18.25 8.50 12.17
C GLU A 122 16.94 9.11 12.62
N ASN A 123 15.80 8.87 12.00
CA ASN A 123 14.60 9.48 12.54
C ASN A 123 13.40 8.54 12.40
N ARG A 124 12.90 7.93 13.50
CA ARG A 124 11.82 6.94 13.39
C ARG A 124 10.54 7.55 12.83
N LEU A 125 10.43 8.86 12.92
CA LEU A 125 9.20 9.44 12.47
C LEU A 125 9.30 10.14 11.12
N TRP A 126 10.25 9.71 10.30
CA TRP A 126 10.39 10.26 8.96
C TRP A 126 9.27 9.77 8.05
N ARG A 127 8.61 10.65 7.29
CA ARG A 127 7.47 10.32 6.40
C ARG A 127 7.80 10.29 4.91
N LYS A 128 8.54 11.32 4.51
CA LYS A 128 8.76 11.60 3.12
C LYS A 128 9.83 10.78 2.40
N THR A 129 10.09 11.06 1.13
CA THR A 129 11.20 10.39 0.48
C THR A 129 12.47 11.11 0.94
N ARG A 130 13.61 10.86 0.31
CA ARG A 130 14.82 11.57 0.67
C ARG A 130 15.43 12.40 -0.46
N SER A 131 14.61 12.73 -1.44
CA SER A 131 14.96 13.62 -2.51
C SER A 131 15.61 14.80 -1.89
N VAL A 132 16.69 15.29 -2.46
CA VAL A 132 17.25 16.49 -1.91
C VAL A 132 16.94 17.68 -2.79
N THR A 133 16.24 18.58 -2.11
CA THR A 133 15.84 19.87 -2.65
C THR A 133 17.05 20.75 -2.36
N SER A 134 17.90 21.01 -3.35
CA SER A 134 19.13 21.76 -3.08
C SER A 134 18.90 23.23 -2.77
N SER A 135 17.63 23.62 -2.93
CA SER A 135 17.15 24.95 -2.59
C SER A 135 17.04 25.03 -1.06
N SER A 136 16.71 23.90 -0.43
CA SER A 136 16.50 23.91 1.01
C SER A 136 17.40 22.93 1.72
N LEU A 137 17.33 23.12 3.02
CA LEU A 137 18.01 22.16 3.83
C LEU A 137 16.98 21.08 4.16
N CYS A 138 15.70 21.38 3.90
CA CYS A 138 14.65 20.40 4.10
C CYS A 138 14.64 19.42 2.94
N VAL A 139 14.60 18.18 3.36
CA VAL A 139 14.69 17.08 2.45
C VAL A 139 13.38 16.33 2.21
N GLY A 140 13.26 15.81 1.01
CA GLY A 140 12.16 14.91 0.73
C GLY A 140 10.84 15.49 0.28
N VAL A 141 10.07 14.62 -0.37
CA VAL A 141 8.77 14.95 -0.91
C VAL A 141 7.79 13.92 -0.35
N ASP A 142 6.58 14.37 -0.03
CA ASP A 142 5.56 13.45 0.39
C ASP A 142 5.15 12.67 -0.87
N ALA A 143 5.45 11.38 -0.94
CA ALA A 143 5.16 10.65 -2.16
C ALA A 143 3.65 10.49 -2.34
N ASN A 144 2.83 10.62 -1.28
CA ASN A 144 1.39 10.56 -1.46
C ASN A 144 0.77 11.92 -1.72
N ARG A 145 1.57 12.88 -2.19
CA ARG A 145 1.01 14.14 -2.72
C ARG A 145 1.65 14.37 -4.12
N ASN A 146 2.35 13.38 -4.68
CA ASN A 146 3.12 13.53 -5.90
C ASN A 146 2.45 12.96 -7.15
N TRP A 147 1.29 12.33 -7.02
CA TRP A 147 0.61 11.75 -8.15
C TRP A 147 -0.21 12.77 -8.93
N ASP A 148 -0.42 12.44 -10.19
CA ASP A 148 -1.06 13.38 -11.07
C ASP A 148 -2.58 13.28 -11.05
N ALA A 149 -3.15 13.71 -9.92
CA ALA A 149 -4.59 13.77 -9.71
C ALA A 149 -4.79 14.97 -8.82
N GLY A 150 -5.23 16.07 -9.41
CA GLY A 150 -5.36 17.29 -8.65
C GLY A 150 -4.01 17.77 -8.14
N PHE A 151 -2.90 17.50 -8.82
CA PHE A 151 -1.57 17.89 -8.32
C PHE A 151 -1.38 19.38 -7.95
N GLY A 152 -0.78 19.76 -6.82
CA GLY A 152 -0.59 21.16 -6.55
C GLY A 152 -1.78 21.86 -5.91
N LYS A 153 -2.95 21.22 -5.91
CA LYS A 153 -4.17 21.83 -5.39
C LYS A 153 -4.19 21.78 -3.87
N ALA A 154 -5.10 22.50 -3.23
CA ALA A 154 -5.20 22.51 -1.78
C ALA A 154 -5.16 21.07 -1.26
N GLY A 155 -4.50 20.82 -0.14
CA GLY A 155 -4.37 19.46 0.34
C GLY A 155 -2.92 19.01 0.23
N ALA A 156 -2.04 19.89 -0.29
CA ALA A 156 -0.63 19.62 -0.37
C ALA A 156 0.04 20.96 -0.21
N SER A 157 1.35 20.96 0.08
CA SER A 157 2.12 22.19 0.28
C SER A 157 3.25 22.41 -0.73
N SER A 158 3.48 23.67 -1.04
CA SER A 158 4.57 24.06 -1.91
C SER A 158 5.90 24.29 -1.20
N SER A 159 5.96 24.20 0.14
CA SER A 159 7.22 24.36 0.86
C SER A 159 7.84 22.99 0.97
N PRO A 160 9.11 22.92 0.60
CA PRO A 160 9.94 21.74 0.77
C PRO A 160 10.00 21.32 2.25
N CYS A 161 9.71 22.25 3.19
CA CYS A 161 9.82 21.93 4.60
C CYS A 161 8.57 21.31 5.21
N SER A 162 7.51 21.31 4.40
CA SER A 162 6.27 20.70 4.83
C SER A 162 6.25 19.17 4.73
N GLU A 163 5.53 18.47 5.62
CA GLU A 163 5.49 17.01 5.60
C GLU A 163 4.66 16.54 4.43
N THR A 164 3.96 17.50 3.91
CA THR A 164 3.01 17.31 2.84
C THR A 164 3.52 17.95 1.56
N TYR A 165 4.80 18.27 1.45
CA TYR A 165 5.28 18.93 0.23
C TYR A 165 5.06 18.12 -1.04
N HIS A 166 4.47 18.68 -2.10
CA HIS A 166 4.12 17.86 -3.24
C HIS A 166 5.22 17.58 -4.23
N GLY A 167 6.35 18.27 -4.14
CA GLY A 167 7.36 18.03 -5.15
C GLY A 167 7.30 19.11 -6.20
N LYS A 168 8.28 19.21 -7.11
CA LYS A 168 8.27 20.30 -8.12
C LYS A 168 7.34 20.05 -9.28
N TYR A 169 6.97 18.80 -9.54
CA TYR A 169 5.97 18.50 -10.56
C TYR A 169 5.46 17.10 -10.29
N ALA A 170 4.31 16.71 -10.85
CA ALA A 170 3.78 15.40 -10.63
C ALA A 170 4.68 14.28 -11.09
N ASN A 171 4.76 13.22 -10.28
CA ASN A 171 5.63 12.08 -10.55
C ASN A 171 7.08 12.52 -10.52
N SER A 172 7.47 13.59 -9.88
CA SER A 172 8.88 13.86 -9.86
C SER A 172 9.65 12.81 -9.08
N GLU A 173 9.03 12.13 -8.12
CA GLU A 173 9.75 11.17 -7.30
C GLU A 173 9.83 9.87 -8.04
N VAL A 174 11.03 9.32 -8.16
CA VAL A 174 11.17 8.10 -8.91
C VAL A 174 10.40 6.95 -8.31
N GLU A 175 10.22 6.93 -6.98
CA GLU A 175 9.45 5.85 -6.46
C GLU A 175 7.95 5.97 -6.70
N VAL A 176 7.47 7.13 -7.17
CA VAL A 176 6.10 7.23 -7.60
C VAL A 176 6.10 6.94 -9.10
N LYS A 177 7.00 7.56 -9.88
CA LYS A 177 7.06 7.28 -11.31
C LYS A 177 7.20 5.77 -11.64
N SER A 178 7.97 5.00 -10.84
CA SER A 178 8.16 3.55 -11.04
C SER A 178 6.88 2.75 -11.04
N ILE A 179 5.96 3.09 -10.12
CA ILE A 179 4.64 2.45 -10.06
C ILE A 179 3.79 2.88 -11.22
N VAL A 180 3.72 4.20 -11.40
CA VAL A 180 2.97 4.76 -12.53
C VAL A 180 3.38 4.10 -13.85
N ASP A 181 4.65 3.98 -14.20
CA ASP A 181 5.04 3.35 -15.47
C ASP A 181 4.66 1.90 -15.55
N PHE A 182 4.81 1.21 -14.42
CA PHE A 182 4.53 -0.22 -14.39
C PHE A 182 3.06 -0.52 -14.50
N VAL A 183 2.24 0.21 -13.73
CA VAL A 183 0.82 0.02 -13.83
C VAL A 183 0.31 0.42 -15.20
N LYS A 184 0.71 1.56 -15.74
CA LYS A 184 0.23 1.94 -17.06
C LYS A 184 0.65 0.91 -18.07
N ASN A 185 1.92 0.52 -18.08
CA ASN A 185 2.38 -0.47 -19.04
C ASN A 185 1.65 -1.80 -19.02
N HIS A 186 1.33 -2.28 -17.82
CA HIS A 186 0.65 -3.53 -17.62
C HIS A 186 -0.71 -3.44 -18.27
N GLY A 187 -1.41 -2.37 -17.91
CA GLY A 187 -2.65 -2.06 -18.54
C GLY A 187 -3.80 -2.92 -18.07
N ASN A 188 -3.63 -3.89 -17.19
CA ASN A 188 -4.80 -4.67 -16.84
C ASN A 188 -5.06 -4.76 -15.33
N PHE A 189 -4.79 -3.67 -14.61
CA PHE A 189 -5.11 -3.60 -13.20
C PHE A 189 -6.60 -3.31 -12.98
N LYS A 190 -7.22 -4.07 -12.06
CA LYS A 190 -8.66 -4.00 -11.73
C LYS A 190 -8.92 -3.33 -10.39
N ALA A 191 -7.91 -3.38 -9.51
CA ALA A 191 -8.07 -2.81 -8.20
C ALA A 191 -6.72 -2.22 -7.79
N PHE A 192 -6.72 -1.14 -7.02
CA PHE A 192 -5.46 -0.51 -6.64
C PHE A 192 -5.62 -0.22 -5.15
N LEU A 193 -4.86 -0.89 -4.28
CA LEU A 193 -4.94 -0.74 -2.81
C LEU A 193 -3.66 -0.15 -2.23
N SER A 194 -3.73 0.95 -1.46
CA SER A 194 -2.52 1.57 -0.88
C SER A 194 -2.73 1.67 0.63
N ILE A 195 -1.87 1.01 1.38
CA ILE A 195 -2.04 0.88 2.81
C ILE A 195 -1.17 1.79 3.60
N HIS A 196 -1.81 2.46 4.54
CA HIS A 196 -1.19 3.47 5.40
C HIS A 196 -1.54 3.17 6.88
N SER A 197 -1.02 3.94 7.82
CA SER A 197 -1.54 3.98 9.18
C SER A 197 -1.30 5.38 9.77
N TYR A 198 -1.93 5.87 10.83
CA TYR A 198 -2.93 5.12 11.55
C TYR A 198 -4.25 5.87 11.42
N SER A 199 -5.32 5.26 11.94
CA SER A 199 -6.62 5.88 12.07
C SER A 199 -7.75 4.92 11.95
N GLN A 200 -7.55 3.72 11.42
CA GLN A 200 -8.60 2.74 11.21
C GLN A 200 -9.75 3.23 10.37
N LEU A 201 -9.43 3.52 9.11
CA LEU A 201 -10.38 4.08 8.14
C LEU A 201 -10.27 3.35 6.83
N LEU A 202 -11.38 3.13 6.10
CA LEU A 202 -11.33 2.64 4.72
C LEU A 202 -11.78 3.81 3.81
N LEU A 203 -10.88 4.25 2.94
CA LEU A 203 -11.07 5.45 2.18
C LEU A 203 -11.20 5.18 0.70
N TYR A 204 -12.07 5.92 0.00
CA TYR A 204 -12.06 5.82 -1.45
C TYR A 204 -11.99 7.25 -2.00
N PRO A 205 -11.79 7.47 -3.31
CA PRO A 205 -11.77 8.81 -3.95
C PRO A 205 -12.99 9.72 -3.67
N TYR A 206 -12.90 11.05 -3.58
CA TYR A 206 -11.65 11.76 -3.84
C TYR A 206 -11.10 12.50 -2.64
N GLY A 207 -9.82 12.85 -2.71
CA GLY A 207 -9.25 13.63 -1.67
C GLY A 207 -9.10 15.10 -2.07
N TYR A 208 -9.01 15.41 -3.38
CA TYR A 208 -8.73 16.77 -3.82
C TYR A 208 -9.96 17.55 -4.22
N THR A 209 -11.11 16.90 -4.20
CA THR A 209 -12.35 17.57 -4.54
C THR A 209 -13.48 16.99 -3.69
N THR A 210 -14.47 17.82 -3.33
CA THR A 210 -15.64 17.35 -2.62
C THR A 210 -16.61 16.71 -3.57
N GLN A 211 -16.51 16.92 -4.87
CA GLN A 211 -17.39 16.23 -5.79
C GLN A 211 -17.36 14.70 -5.61
N SER A 212 -18.51 14.04 -5.52
CA SER A 212 -18.60 12.57 -5.48
C SER A 212 -18.06 11.83 -6.71
N ILE A 213 -17.50 10.63 -6.57
CA ILE A 213 -17.05 9.89 -7.75
C ILE A 213 -18.31 9.30 -8.40
N PRO A 214 -18.42 9.10 -9.73
CA PRO A 214 -19.57 8.45 -10.35
C PRO A 214 -19.96 7.11 -9.74
N ASP A 215 -18.95 6.37 -9.22
CA ASP A 215 -19.20 5.04 -8.68
C ASP A 215 -19.31 5.05 -7.16
N LYS A 216 -19.65 6.17 -6.56
CA LYS A 216 -19.67 6.29 -5.11
C LYS A 216 -20.59 5.27 -4.52
N THR A 217 -21.74 5.04 -5.13
CA THR A 217 -22.66 4.09 -4.53
C THR A 217 -22.09 2.68 -4.43
N GLU A 218 -21.47 2.20 -5.49
CA GLU A 218 -20.88 0.89 -5.43
C GLU A 218 -19.71 0.79 -4.46
N LEU A 219 -18.77 1.75 -4.50
CA LEU A 219 -17.59 1.69 -3.62
C LEU A 219 -17.95 1.84 -2.17
N ASN A 220 -18.98 2.58 -1.87
CA ASN A 220 -19.42 2.71 -0.50
C ASN A 220 -19.96 1.39 0.06
N GLN A 221 -20.67 0.65 -0.79
CA GLN A 221 -21.13 -0.66 -0.40
C GLN A 221 -20.00 -1.68 -0.29
N VAL A 222 -19.02 -1.70 -1.18
CA VAL A 222 -17.87 -2.57 -0.94
C VAL A 222 -17.16 -2.17 0.38
N ALA A 223 -16.98 -0.86 0.61
CA ALA A 223 -16.26 -0.49 1.81
C ALA A 223 -17.00 -0.93 3.06
N LYS A 224 -18.33 -0.75 3.07
CA LYS A 224 -19.22 -1.17 4.13
C LYS A 224 -19.05 -2.67 4.47
N SER A 225 -19.02 -3.52 3.43
CA SER A 225 -18.81 -4.96 3.58
C SER A 225 -17.40 -5.28 4.02
N ALA A 226 -16.45 -4.52 3.55
CA ALA A 226 -15.08 -4.89 3.90
C ALA A 226 -14.79 -4.60 5.36
N VAL A 227 -15.35 -3.49 5.85
CA VAL A 227 -15.20 -3.04 7.22
C VAL A 227 -15.94 -3.97 8.21
N ALA A 228 -17.06 -4.55 7.76
CA ALA A 228 -17.77 -5.55 8.56
C ALA A 228 -16.96 -6.85 8.67
N ALA A 229 -16.41 -7.35 7.57
CA ALA A 229 -15.56 -8.52 7.63
C ALA A 229 -14.39 -8.32 8.57
N LEU A 230 -13.74 -7.16 8.47
CA LEU A 230 -12.62 -6.88 9.33
C LEU A 230 -12.97 -6.86 10.80
N LYS A 231 -14.06 -6.18 11.13
CA LYS A 231 -14.45 -6.10 12.52
C LYS A 231 -14.87 -7.44 13.08
N SER A 232 -15.28 -8.42 12.26
CA SER A 232 -15.68 -9.74 12.72
C SER A 232 -14.65 -10.50 13.55
N LEU A 233 -13.35 -10.21 13.37
CA LEU A 233 -12.33 -11.00 14.06
C LEU A 233 -12.05 -10.59 15.50
N TYR A 234 -11.77 -9.32 15.72
CA TYR A 234 -11.41 -8.88 17.05
C TYR A 234 -12.26 -7.68 17.43
N GLY A 235 -13.31 -7.33 16.72
CA GLY A 235 -14.14 -6.19 17.10
C GLY A 235 -13.55 -4.84 16.71
N THR A 236 -12.49 -4.78 15.88
CA THR A 236 -11.92 -3.49 15.56
C THR A 236 -12.84 -2.70 14.65
N SER A 237 -13.13 -1.46 15.07
CA SER A 237 -14.00 -0.53 14.35
C SER A 237 -13.26 0.42 13.41
N TYR A 238 -13.81 0.45 12.20
CA TYR A 238 -13.33 1.27 11.13
C TYR A 238 -14.43 2.19 10.63
N LYS A 239 -14.05 3.37 10.16
CA LYS A 239 -15.02 4.25 9.55
C LYS A 239 -14.62 4.27 8.07
N TYR A 240 -15.51 4.61 7.16
CA TYR A 240 -15.11 4.53 5.79
C TYR A 240 -15.79 5.64 5.03
N GLY A 241 -15.29 6.04 3.86
CA GLY A 241 -15.97 7.12 3.18
C GLY A 241 -14.93 7.73 2.28
N SER A 242 -15.24 8.82 1.59
CA SER A 242 -14.26 9.43 0.69
C SER A 242 -13.11 10.09 1.47
N ILE A 243 -11.90 10.18 0.92
CA ILE A 243 -10.79 10.80 1.61
C ILE A 243 -11.14 12.15 2.22
N ILE A 244 -11.65 13.11 1.42
CA ILE A 244 -11.77 14.47 1.89
C ILE A 244 -12.74 14.65 3.07
N THR A 245 -13.75 13.78 3.05
CA THR A 245 -14.83 13.65 4.02
C THR A 245 -14.49 12.86 5.29
N THR A 246 -13.56 11.91 5.20
CA THR A 246 -13.26 10.99 6.29
C THR A 246 -11.92 11.26 6.94
N ILE A 247 -10.80 11.62 6.27
CA ILE A 247 -9.64 12.07 7.03
C ILE A 247 -9.43 13.55 6.78
N TYR A 248 -9.08 13.95 5.57
CA TYR A 248 -8.99 15.36 5.28
C TYR A 248 -8.70 15.61 3.82
N GLN A 249 -8.75 16.85 3.39
CA GLN A 249 -8.43 17.17 2.03
C GLN A 249 -7.00 16.77 1.75
N ALA A 250 -6.72 16.25 0.56
CA ALA A 250 -5.38 15.82 0.20
C ALA A 250 -5.26 15.77 -1.31
N SER A 251 -4.32 16.47 -1.94
CA SER A 251 -4.27 16.41 -3.40
C SER A 251 -3.10 15.57 -3.89
N GLY A 252 -3.13 15.03 -5.12
CA GLY A 252 -2.01 14.24 -5.59
C GLY A 252 -1.89 12.88 -4.89
N GLY A 253 -2.96 12.35 -4.28
CA GLY A 253 -2.93 11.04 -3.64
C GLY A 253 -2.99 9.90 -4.66
N SER A 254 -2.37 8.75 -4.39
CA SER A 254 -2.31 7.70 -5.38
C SER A 254 -3.65 7.09 -5.72
N ILE A 255 -4.57 6.98 -4.77
CA ILE A 255 -5.86 6.41 -5.10
C ILE A 255 -6.73 7.25 -6.04
N ASP A 256 -6.56 8.57 -5.98
CA ASP A 256 -7.28 9.44 -6.87
C ASP A 256 -6.76 9.31 -8.30
N TRP A 257 -5.43 9.20 -8.45
CA TRP A 257 -4.83 8.95 -9.76
C TRP A 257 -5.30 7.62 -10.32
N SER A 258 -5.22 6.53 -9.56
CA SER A 258 -5.60 5.23 -10.12
C SER A 258 -7.05 5.22 -10.50
N TYR A 259 -7.93 5.81 -9.71
CA TYR A 259 -9.32 5.84 -10.06
C TYR A 259 -9.51 6.61 -11.37
N ASN A 260 -8.75 7.69 -11.54
CA ASN A 260 -8.87 8.49 -12.75
C ASN A 260 -8.24 7.80 -13.96
N GLN A 261 -7.41 6.75 -13.75
CA GLN A 261 -6.95 5.95 -14.88
C GLN A 261 -7.97 4.86 -15.23
N GLY A 262 -9.15 4.84 -14.60
CA GLY A 262 -10.13 3.81 -14.89
C GLY A 262 -10.07 2.58 -13.96
N ILE A 263 -9.22 2.56 -12.93
CA ILE A 263 -9.14 1.43 -11.99
C ILE A 263 -10.19 1.74 -10.96
N LYS A 264 -11.34 1.07 -11.08
CA LYS A 264 -12.48 1.40 -10.24
C LYS A 264 -12.35 1.10 -8.76
N TYR A 265 -11.83 -0.07 -8.41
CA TYR A 265 -11.71 -0.41 -7.00
C TYR A 265 -10.41 0.12 -6.41
N SER A 266 -10.39 1.43 -6.13
CA SER A 266 -9.25 2.15 -5.58
C SER A 266 -9.56 2.53 -4.15
N PHE A 267 -8.79 1.92 -3.24
CA PHE A 267 -8.98 2.06 -1.81
C PHE A 267 -7.68 2.21 -1.03
N THR A 268 -7.72 3.08 -0.02
CA THR A 268 -6.63 3.19 0.94
C THR A 268 -7.09 2.77 2.32
N PHE A 269 -6.34 1.87 2.94
CA PHE A 269 -6.63 1.49 4.31
C PHE A 269 -5.72 2.28 5.21
N GLU A 270 -6.25 2.77 6.33
CA GLU A 270 -5.48 3.38 7.39
C GLU A 270 -5.51 2.36 8.52
N LEU A 271 -4.42 1.69 8.84
CA LEU A 271 -4.51 0.65 9.84
C LEU A 271 -4.53 1.15 11.29
N ARG A 272 -4.39 0.23 12.24
CA ARG A 272 -4.46 0.59 13.64
C ARG A 272 -3.37 1.58 14.00
N ASP A 273 -3.50 2.38 15.05
CA ASP A 273 -4.67 2.35 15.89
C ASP A 273 -5.38 3.67 15.72
N THR A 274 -5.96 4.26 16.77
CA THR A 274 -6.58 5.57 16.61
C THR A 274 -5.82 6.62 17.39
N GLY A 275 -4.51 6.46 17.54
CA GLY A 275 -3.78 7.51 18.18
C GLY A 275 -3.14 7.14 19.50
N ARG A 276 -3.59 6.11 20.23
CA ARG A 276 -2.97 5.80 21.52
C ARG A 276 -1.51 5.52 21.35
N TYR A 277 -1.08 4.67 20.42
CA TYR A 277 0.33 4.50 20.11
C TYR A 277 0.65 5.18 18.79
N GLY A 278 -0.32 5.40 17.89
CA GLY A 278 -0.06 6.06 16.62
C GLY A 278 0.88 5.27 15.73
N PHE A 279 1.98 5.90 15.24
CA PHE A 279 2.96 5.23 14.37
C PHE A 279 3.79 4.22 15.14
N LEU A 280 3.83 4.34 16.47
CA LEU A 280 4.67 3.43 17.25
C LEU A 280 3.86 2.30 17.84
N LEU A 281 3.05 1.65 17.02
CA LEU A 281 2.21 0.54 17.44
C LEU A 281 3.02 -0.62 18.03
N PRO A 282 2.67 -1.20 19.18
CA PRO A 282 3.43 -2.30 19.75
C PRO A 282 3.55 -3.50 18.81
N ALA A 283 4.68 -4.17 18.84
CA ALA A 283 4.86 -5.31 17.98
C ALA A 283 3.87 -6.43 18.32
N SER A 284 3.43 -6.55 19.58
CA SER A 284 2.41 -7.54 19.91
C SER A 284 1.12 -7.26 19.12
N GLN A 285 0.94 -6.13 18.42
CA GLN A 285 -0.25 -5.93 17.62
C GLN A 285 -0.03 -6.18 16.15
N ILE A 286 1.12 -6.67 15.70
CA ILE A 286 1.33 -6.84 14.26
C ILE A 286 0.46 -7.93 13.67
N ILE A 287 0.52 -9.15 14.23
CA ILE A 287 -0.26 -10.21 13.64
C ILE A 287 -1.75 -10.01 13.79
N PRO A 288 -2.39 -9.53 14.88
CA PRO A 288 -3.81 -9.28 14.92
C PRO A 288 -4.17 -8.24 13.91
N THR A 289 -3.35 -7.20 13.69
CA THR A 289 -3.70 -6.17 12.69
C THR A 289 -3.70 -6.76 11.27
N ALA A 290 -2.66 -7.53 10.95
CA ALA A 290 -2.55 -8.18 9.67
C ALA A 290 -3.68 -9.16 9.46
N GLN A 291 -4.03 -9.96 10.45
CA GLN A 291 -5.12 -10.90 10.28
C GLN A 291 -6.48 -10.29 10.01
N GLU A 292 -6.89 -9.23 10.71
CA GLU A 292 -8.21 -8.68 10.44
C GLU A 292 -8.18 -7.86 9.14
N THR A 293 -7.04 -7.24 8.79
CA THR A 293 -6.93 -6.46 7.56
C THR A 293 -7.07 -7.39 6.35
N TRP A 294 -6.52 -8.60 6.44
CA TRP A 294 -6.64 -9.59 5.39
C TRP A 294 -8.12 -9.80 5.06
N LEU A 295 -8.97 -9.84 6.10
CA LEU A 295 -10.38 -10.13 5.90
C LEU A 295 -11.05 -9.02 5.09
N GLY A 296 -10.63 -7.78 5.36
CA GLY A 296 -11.03 -6.59 4.63
C GLY A 296 -10.49 -6.61 3.19
N VAL A 297 -9.21 -6.90 2.98
CA VAL A 297 -8.65 -6.99 1.65
C VAL A 297 -9.31 -8.13 0.86
N LEU A 298 -9.38 -9.34 1.39
CA LEU A 298 -10.04 -10.43 0.72
C LEU A 298 -11.43 -9.98 0.26
N THR A 299 -12.26 -9.36 1.09
CA THR A 299 -13.59 -8.92 0.62
C THR A 299 -13.56 -8.06 -0.65
N ILE A 300 -12.71 -7.06 -0.71
CA ILE A 300 -12.57 -6.25 -1.91
C ILE A 300 -12.09 -7.09 -3.12
N MET A 301 -11.09 -7.98 -2.96
CA MET A 301 -10.66 -8.76 -4.11
C MET A 301 -11.80 -9.63 -4.62
N GLU A 302 -12.66 -10.13 -3.71
CA GLU A 302 -13.79 -10.95 -4.13
C GLU A 302 -14.72 -10.18 -5.03
N HIS A 303 -14.94 -8.95 -4.62
CA HIS A 303 -15.80 -8.08 -5.38
C HIS A 303 -15.21 -7.77 -6.75
N THR A 304 -13.91 -7.61 -6.81
CA THR A 304 -13.24 -7.34 -8.05
C THR A 304 -13.27 -8.57 -8.97
N VAL A 305 -13.29 -9.78 -8.42
CA VAL A 305 -13.24 -10.95 -9.26
C VAL A 305 -14.56 -11.03 -9.99
N ASN A 306 -15.58 -10.83 -9.14
CA ASN A 306 -16.97 -10.99 -9.52
C ASN A 306 -17.54 -9.95 -10.48
N ASN A 307 -16.87 -8.82 -10.60
CA ASN A 307 -17.31 -7.83 -11.56
C ASN A 307 -16.30 -6.71 -11.58
#